data_3DUZ
#
_entry.id   3DUZ
#
_cell.length_a   87.470
_cell.length_b   87.470
_cell.length_c   431.590
_cell.angle_alpha   90.00
_cell.angle_beta   90.00
_cell.angle_gamma   120.00
#
_symmetry.space_group_name_H-M   'H 3 2'
#
loop_
_entity.id
_entity.type
_entity.pdbx_description
1 polymer 'Major envelope glycoprotein'
2 non-polymer 'MERCURY (II) ION'
#
_entity_poly.entity_id   1
_entity_poly.type   'polypeptide(L)'
_entity_poly.pdbx_seq_one_letter_code
;AEHCNAQMKTGPYKIKNLDITPPKETLQKDVEITIVETDYNENVIIGYKGYYQAYAYNGGSLDPNTRVEETMKTLNVGKE
DLLMWSIRQQCEVGEELIDRWGSDSDDCFRDNEGRGQWVKGKELVKRQNNNHFAHHTCNKSWRCGISTSKMYSRLECQDD
TDECQVYILDAEGNPINVTVDTVLHRDGVSMILKQKSTFTTRQIKAACLLIKDDKNNPESVTREHCLIDNDIYDLSKNTW
NCKFNRCIKRKVEHRVKKRPPTWRHNVRAKYTEGDTATKGDLMHIQEELMYENDLLKMNIELMHAHINKLNNMLHDLIVS
VAKVDERLIGNLMNNSVSSTFLSDDTFLLMPCTNPPAHTSNCYNNSIYKEGRWVANTDSSQCIDFSNYKELAIDDDVEFW
IPTIGNTTYHDSWKDASGWSFIAQQKSNLITTMENTKFGGVGTSLSDITSMAEGELAAKLTSFMFGHVVNFVIILIVILD
YKDDDDK
;
_entity_poly.pdbx_strand_id   A
#
loop_
_chem_comp.id
_chem_comp.type
_chem_comp.name
_chem_comp.formula
HG non-polymer 'MERCURY (II) ION' 'Hg 2'
#
# COMPACT_ATOMS: atom_id res chain seq x y z
N GLU A 2 58.89 14.21 -32.86
CA GLU A 2 60.00 13.31 -32.45
C GLU A 2 61.37 14.02 -32.42
N HIS A 3 61.44 15.10 -31.64
CA HIS A 3 62.72 15.71 -31.24
C HIS A 3 62.64 16.18 -29.79
N CYS A 4 63.29 15.43 -28.90
CA CYS A 4 63.03 15.52 -27.46
C CYS A 4 64.28 15.73 -26.61
N ASN A 5 64.10 16.46 -25.52
CA ASN A 5 65.13 16.61 -24.49
C ASN A 5 65.36 15.26 -23.81
N ALA A 6 66.50 14.64 -24.10
CA ALA A 6 66.85 13.34 -23.51
C ALA A 6 67.25 13.46 -22.04
N GLN A 7 67.78 14.63 -21.67
CA GLN A 7 68.27 14.87 -20.31
C GLN A 7 67.15 15.05 -19.28
N MET A 8 65.90 14.73 -19.68
CA MET A 8 64.74 14.89 -18.80
C MET A 8 63.78 13.69 -18.76
N LYS A 9 64.30 12.51 -19.03
CA LYS A 9 63.53 11.26 -18.96
C LYS A 9 62.92 11.09 -17.57
N THR A 10 61.59 11.09 -17.51
CA THR A 10 60.86 10.82 -16.26
C THR A 10 60.25 9.41 -16.25
N GLY A 11 60.37 8.72 -15.11
CA GLY A 11 59.83 7.37 -14.95
C GLY A 11 60.37 6.62 -13.74
N PRO A 12 60.24 5.28 -13.72
CA PRO A 12 59.51 4.50 -14.71
C PRO A 12 58.00 4.60 -14.48
N TYR A 13 57.24 4.57 -15.56
CA TYR A 13 55.81 4.76 -15.49
C TYR A 13 55.07 3.48 -15.87
N LYS A 14 53.80 3.43 -15.49
CA LYS A 14 52.91 2.30 -15.76
C LYS A 14 51.51 2.87 -15.72
N ILE A 15 50.63 2.46 -16.64
CA ILE A 15 49.31 3.08 -16.76
C ILE A 15 48.38 2.69 -15.63
N LYS A 16 47.80 3.69 -14.96
CA LYS A 16 46.95 3.47 -13.80
C LYS A 16 45.62 2.89 -14.22
N ASN A 17 45.36 1.63 -13.85
CA ASN A 17 44.07 1.03 -14.11
C ASN A 17 43.02 1.59 -13.17
N LEU A 18 41.76 1.54 -13.61
CA LEU A 18 40.66 2.09 -12.83
C LEU A 18 40.11 1.09 -11.83
N ASP A 19 39.79 1.59 -10.64
CA ASP A 19 39.22 0.81 -9.55
C ASP A 19 37.92 0.14 -9.96
N ILE A 20 37.88 -1.19 -9.85
CA ILE A 20 36.61 -1.89 -10.04
C ILE A 20 36.03 -2.20 -8.65
N THR A 21 35.03 -1.42 -8.27
CA THR A 21 34.44 -1.47 -6.93
C THR A 21 33.37 -2.57 -6.84
N PRO A 22 33.54 -3.51 -5.88
CA PRO A 22 32.51 -4.52 -5.60
C PRO A 22 31.22 -3.81 -5.19
N PRO A 23 30.10 -4.19 -5.82
CA PRO A 23 28.84 -3.44 -5.70
C PRO A 23 28.29 -3.48 -4.28
N LYS A 24 27.89 -2.33 -3.77
CA LYS A 24 27.37 -2.25 -2.41
C LYS A 24 25.89 -2.62 -2.37
N GLU A 25 25.21 -2.48 -3.51
CA GLU A 25 23.82 -2.89 -3.67
C GLU A 25 23.75 -4.25 -4.39
N THR A 26 23.25 -5.25 -3.68
CA THR A 26 23.21 -6.65 -4.15
C THR A 26 21.79 -7.09 -4.43
N LEU A 27 21.62 -7.83 -5.51
CA LEU A 27 20.33 -8.43 -5.79
C LEU A 27 20.32 -9.88 -5.27
N GLN A 28 19.36 -10.20 -4.41
CA GLN A 28 19.20 -11.56 -3.95
C GLN A 28 17.87 -12.13 -4.41
N LYS A 29 17.93 -13.26 -5.11
CA LYS A 29 16.75 -13.92 -5.65
C LYS A 29 16.23 -14.97 -4.69
N ASP A 30 14.94 -15.29 -4.81
CA ASP A 30 14.32 -16.36 -4.04
C ASP A 30 14.39 -16.15 -2.53
N VAL A 31 14.16 -14.92 -2.07
CA VAL A 31 14.10 -14.67 -0.63
C VAL A 31 12.73 -15.11 -0.12
N GLU A 32 12.73 -16.00 0.88
CA GLU A 32 11.49 -16.55 1.41
C GLU A 32 10.75 -15.57 2.32
N ILE A 33 9.47 -15.39 2.01
CA ILE A 33 8.65 -14.35 2.64
C ILE A 33 7.26 -14.88 3.00
N THR A 34 6.78 -14.49 4.18
CA THR A 34 5.46 -14.87 4.67
C THR A 34 4.51 -13.68 4.64
N ILE A 35 3.39 -13.86 3.95
CA ILE A 35 2.33 -12.85 3.92
C ILE A 35 1.14 -13.35 4.72
N VAL A 36 0.64 -12.50 5.63
CA VAL A 36 -0.58 -12.80 6.38
C VAL A 36 -1.63 -11.70 6.09
N GLU A 37 -2.84 -12.11 5.73
CA GLU A 37 -3.86 -11.16 5.32
C GLU A 37 -5.28 -11.49 5.80
N THR A 38 -6.03 -10.45 6.16
CA THR A 38 -7.43 -10.57 6.53
C THR A 38 -8.28 -9.77 5.53
N ASP A 39 -9.61 -9.83 5.66
CA ASP A 39 -10.50 -8.94 4.93
C ASP A 39 -10.19 -7.50 5.30
N TYR A 40 -10.26 -6.59 4.33
CA TYR A 40 -10.06 -5.15 4.58
C TYR A 40 -10.99 -4.67 5.69
N ASN A 41 -12.26 -5.07 5.58
CA ASN A 41 -13.25 -4.75 6.59
C ASN A 41 -14.09 -5.94 7.03
N GLU A 42 -14.71 -5.80 8.19
CA GLU A 42 -15.52 -6.87 8.74
C GLU A 42 -16.94 -6.42 8.93
N ASN A 43 -17.86 -7.38 8.78
CA ASN A 43 -19.28 -7.11 8.95
C ASN A 43 -19.70 -7.01 10.41
N VAL A 44 -20.19 -5.83 10.79
CA VAL A 44 -20.63 -5.56 12.15
C VAL A 44 -22.13 -5.22 12.20
N ILE A 45 -22.86 -6.05 12.94
CA ILE A 45 -24.27 -5.81 13.22
C ILE A 45 -24.39 -4.71 14.28
N ILE A 46 -25.03 -3.61 13.90
CA ILE A 46 -25.25 -2.48 14.78
C ILE A 46 -26.74 -2.27 14.99
N GLY A 47 -27.17 -2.32 16.25
CA GLY A 47 -28.57 -2.15 16.58
C GLY A 47 -28.78 -1.23 17.75
N TYR A 48 -29.84 -0.43 17.68
CA TYR A 48 -30.18 0.47 18.78
C TYR A 48 -31.68 0.47 19.04
N LYS A 49 -32.05 0.89 20.25
CA LYS A 49 -33.43 0.85 20.72
C LYS A 49 -33.61 1.84 21.85
N GLY A 50 -34.85 2.27 22.03
CA GLY A 50 -35.20 3.18 23.13
C GLY A 50 -36.60 3.72 23.01
N TYR A 51 -37.05 4.39 24.07
CA TYR A 51 -38.35 5.08 24.06
C TYR A 51 -38.26 6.43 24.78
N TYR A 52 -39.16 7.33 24.43
CA TYR A 52 -39.38 8.54 25.22
C TYR A 52 -40.76 8.47 25.84
N GLN A 53 -40.81 8.67 27.15
CA GLN A 53 -42.02 8.52 27.91
C GLN A 53 -42.35 9.79 28.67
N ALA A 54 -43.64 10.14 28.64
CA ALA A 54 -44.15 11.26 29.41
C ALA A 54 -45.35 10.82 30.23
N TYR A 55 -45.11 10.50 31.51
CA TYR A 55 -46.17 10.13 32.43
C TYR A 55 -46.54 11.35 33.24
N ALA A 56 -47.78 11.83 33.08
CA ALA A 56 -48.22 13.05 33.73
C ALA A 56 -49.49 12.83 34.55
N TYR A 57 -49.71 13.70 35.54
CA TYR A 57 -50.95 13.72 36.30
C TYR A 57 -51.45 15.15 36.46
N ASN A 58 -52.73 15.36 36.21
CA ASN A 58 -53.33 16.68 36.35
C ASN A 58 -54.32 16.75 37.52
N GLY A 59 -53.88 17.36 38.62
CA GLY A 59 -54.73 17.63 39.77
C GLY A 59 -54.97 19.12 39.98
N GLY A 60 -54.77 19.89 38.91
CA GLY A 60 -54.90 21.36 38.97
C GLY A 60 -53.69 22.01 39.62
N SER A 61 -53.70 23.35 39.62
CA SER A 61 -52.58 24.13 40.16
C SER A 61 -52.38 23.93 41.66
N LEU A 62 -53.42 23.46 42.35
CA LEU A 62 -53.35 23.27 43.80
C LEU A 62 -52.48 22.08 44.14
N ASP A 63 -52.63 21.01 43.38
CA ASP A 63 -51.98 19.74 43.67
C ASP A 63 -50.49 19.84 43.36
N PRO A 64 -49.64 19.49 44.36
CA PRO A 64 -48.21 19.28 44.14
C PRO A 64 -47.91 18.09 43.23
N ASN A 65 -48.89 17.20 43.06
CA ASN A 65 -48.75 16.04 42.20
C ASN A 65 -49.02 16.31 40.72
N THR A 66 -49.44 17.54 40.41
CA THR A 66 -49.55 17.98 39.04
C THR A 66 -48.12 18.20 38.49
N ARG A 67 -47.72 17.28 37.61
CA ARG A 67 -46.35 17.20 37.10
C ARG A 67 -46.32 16.42 35.79
N VAL A 68 -45.25 16.58 35.01
CA VAL A 68 -45.04 15.77 33.82
C VAL A 68 -43.66 15.13 33.91
N GLU A 69 -43.60 13.89 34.39
CA GLU A 69 -42.34 13.17 34.50
C GLU A 69 -41.92 12.65 33.13
N GLU A 70 -40.76 13.10 32.65
CA GLU A 70 -40.24 12.69 31.35
C GLU A 70 -38.99 11.84 31.49
N THR A 71 -38.92 10.77 30.71
CA THR A 71 -37.72 9.92 30.65
C THR A 71 -37.45 9.51 29.22
N MET A 72 -36.17 9.42 28.87
CA MET A 72 -35.76 8.83 27.60
C MET A 72 -34.75 7.73 27.86
N LYS A 73 -35.24 6.50 27.98
CA LYS A 73 -34.37 5.36 28.12
C LYS A 73 -33.81 4.93 26.77
N THR A 74 -32.51 4.66 26.76
CA THR A 74 -31.83 3.97 25.67
C THR A 74 -31.62 2.54 26.18
N LEU A 75 -32.01 1.56 25.37
CA LEU A 75 -31.90 0.17 25.80
C LEU A 75 -30.77 -0.57 25.08
N ASN A 76 -30.32 -1.66 25.69
CA ASN A 76 -29.37 -2.54 25.06
C ASN A 76 -30.12 -3.57 24.25
N VAL A 77 -29.57 -3.99 23.13
CA VAL A 77 -30.13 -5.11 22.39
C VAL A 77 -29.23 -6.32 22.58
N GLY A 78 -29.85 -7.44 22.97
CA GLY A 78 -29.14 -8.68 23.30
C GLY A 78 -28.73 -9.52 22.11
N LYS A 79 -27.72 -10.37 22.33
CA LYS A 79 -27.12 -11.18 21.27
C LYS A 79 -28.15 -11.79 20.32
N GLU A 80 -29.05 -12.61 20.87
CA GLU A 80 -30.04 -13.33 20.09
C GLU A 80 -30.97 -12.40 19.30
N ASP A 81 -31.49 -11.37 19.96
CA ASP A 81 -32.32 -10.39 19.28
C ASP A 81 -31.56 -9.73 18.13
N LEU A 82 -30.33 -9.30 18.44
CA LEU A 82 -29.48 -8.59 17.49
C LEU A 82 -29.24 -9.42 16.24
N LEU A 83 -29.01 -10.71 16.45
CA LEU A 83 -28.86 -11.65 15.34
C LEU A 83 -30.15 -11.73 14.52
N MET A 84 -31.27 -11.92 15.22
CA MET A 84 -32.60 -11.98 14.60
C MET A 84 -32.84 -10.73 13.76
N TRP A 85 -32.52 -9.57 14.33
CA TRP A 85 -32.63 -8.30 13.64
C TRP A 85 -31.87 -8.28 12.31
N SER A 86 -30.60 -8.68 12.35
CA SER A 86 -29.76 -8.81 11.16
C SER A 86 -30.40 -9.69 10.09
N ILE A 87 -30.78 -10.91 10.47
CA ILE A 87 -31.35 -11.89 9.54
C ILE A 87 -32.55 -11.32 8.82
N ARG A 88 -33.30 -10.51 9.55
CA ARG A 88 -34.60 -10.06 9.13
C ARG A 88 -34.56 -8.66 8.54
N GLN A 89 -33.38 -8.04 8.56
CA GLN A 89 -33.24 -6.61 8.25
C GLN A 89 -34.43 -5.82 8.80
N GLN A 90 -34.70 -6.05 10.09
CA GLN A 90 -35.82 -5.44 10.80
C GLN A 90 -35.53 -5.44 12.28
N CYS A 91 -36.10 -4.47 12.98
CA CYS A 91 -35.89 -4.39 14.41
C CYS A 91 -37.24 -4.36 15.14
N GLU A 92 -37.25 -4.77 16.40
CA GLU A 92 -38.51 -4.92 17.15
C GLU A 92 -38.71 -3.88 18.24
N VAL A 93 -39.92 -3.32 18.31
CA VAL A 93 -40.32 -2.37 19.35
C VAL A 93 -41.68 -2.71 19.96
N GLY A 94 -42.02 -2.03 21.04
CA GLY A 94 -43.32 -2.16 21.67
C GLY A 94 -44.35 -1.26 21.02
N GLU A 95 -45.57 -1.28 21.56
CA GLU A 95 -46.70 -0.56 20.99
C GLU A 95 -46.57 0.94 21.26
N GLU A 96 -46.98 1.76 20.30
CA GLU A 96 -46.97 3.20 20.44
C GLU A 96 -48.20 3.63 21.25
N LEU A 97 -47.96 4.26 22.40
CA LEU A 97 -49.06 4.68 23.27
C LEU A 97 -49.22 6.21 23.23
N ILE A 98 -50.32 6.65 22.61
CA ILE A 98 -50.64 8.07 22.53
C ILE A 98 -51.90 8.34 23.34
N ASP A 99 -51.84 9.36 24.20
CA ASP A 99 -53.00 9.82 24.97
C ASP A 99 -53.74 8.67 25.67
N ARG A 100 -53.01 7.74 26.26
CA ARG A 100 -53.63 6.71 27.06
C ARG A 100 -53.79 7.27 28.46
N TRP A 101 -55.01 7.65 28.81
CA TRP A 101 -55.27 8.26 30.10
C TRP A 101 -56.28 7.45 30.92
N GLY A 102 -56.61 7.98 32.09
CA GLY A 102 -57.54 7.32 33.00
C GLY A 102 -56.95 6.04 33.56
N SER A 103 -57.64 4.93 33.29
CA SER A 103 -57.20 3.64 33.76
C SER A 103 -56.20 3.01 32.79
N ASP A 104 -56.04 3.64 31.63
CA ASP A 104 -55.05 3.21 30.64
C ASP A 104 -53.69 3.84 30.86
N SER A 105 -53.60 4.70 31.88
CA SER A 105 -52.35 5.32 32.29
C SER A 105 -51.27 4.29 32.52
N ASP A 106 -51.69 3.05 32.66
CA ASP A 106 -50.78 2.00 33.09
C ASP A 106 -50.25 1.15 31.94
N ASP A 107 -50.78 1.37 30.74
CA ASP A 107 -50.22 0.75 29.54
C ASP A 107 -48.74 1.06 29.51
N CYS A 108 -48.39 2.26 29.97
CA CYS A 108 -47.01 2.73 30.10
C CYS A 108 -46.04 1.74 30.74
N PHE A 109 -46.42 1.16 31.87
CA PHE A 109 -45.52 0.28 32.63
C PHE A 109 -45.55 -1.20 32.23
N ARG A 110 -46.44 -1.56 31.30
CA ARG A 110 -46.63 -2.96 30.89
C ARG A 110 -45.44 -3.58 30.16
N ASP A 111 -44.90 -2.85 29.18
CA ASP A 111 -43.85 -3.37 28.34
C ASP A 111 -42.64 -2.45 28.31
N ASN A 112 -41.52 -2.94 28.86
CA ASN A 112 -40.29 -2.16 28.94
C ASN A 112 -39.16 -2.80 28.16
N GLU A 113 -39.49 -3.88 27.46
CA GLU A 113 -38.54 -4.53 26.60
C GLU A 113 -38.75 -4.07 25.16
N GLY A 114 -40.01 -3.89 24.77
CA GLY A 114 -40.36 -3.47 23.42
C GLY A 114 -40.62 -4.63 22.48
N ARG A 115 -41.83 -5.19 22.55
CA ARG A 115 -42.19 -6.40 21.79
C ARG A 115 -43.42 -6.20 20.92
N GLY A 116 -43.48 -6.93 19.81
CA GLY A 116 -44.71 -6.99 19.05
C GLY A 116 -44.81 -6.16 17.79
N GLN A 117 -43.92 -5.18 17.62
CA GLN A 117 -43.91 -4.39 16.37
C GLN A 117 -42.60 -4.61 15.61
N TRP A 118 -42.72 -4.99 14.34
CA TRP A 118 -41.54 -5.21 13.51
C TRP A 118 -41.50 -4.24 12.35
N VAL A 119 -40.48 -3.41 12.36
CA VAL A 119 -40.37 -2.32 11.39
C VAL A 119 -39.02 -2.38 10.72
N LYS A 120 -38.89 -1.65 9.62
CA LYS A 120 -37.59 -1.51 8.96
C LYS A 120 -36.68 -0.69 9.87
N GLY A 121 -37.25 0.33 10.49
CA GLY A 121 -36.57 1.19 11.45
C GLY A 121 -37.64 2.14 11.92
N LYS A 122 -37.35 2.90 12.99
CA LYS A 122 -38.33 3.86 13.53
C LYS A 122 -37.67 4.93 14.40
N GLU A 123 -38.22 6.14 14.36
CA GLU A 123 -37.72 7.24 15.17
C GLU A 123 -38.76 7.65 16.21
N LEU A 124 -38.29 8.13 17.36
CA LEU A 124 -39.14 8.73 18.41
C LEU A 124 -40.08 9.81 17.88
N VAL A 125 -41.18 9.99 18.58
CA VAL A 125 -41.96 11.23 18.50
C VAL A 125 -42.15 11.70 19.94
N LYS A 126 -41.69 12.91 20.24
CA LYS A 126 -41.70 13.42 21.60
C LYS A 126 -43.08 13.91 22.00
N ARG A 127 -44.00 12.96 22.20
CA ARG A 127 -45.41 13.25 22.50
C ARG A 127 -45.66 13.35 23.99
N GLN A 128 -46.42 14.37 24.37
CA GLN A 128 -46.78 14.60 25.77
C GLN A 128 -48.08 15.42 25.90
N ASN A 129 -48.92 15.03 26.86
CA ASN A 129 -50.10 15.81 27.24
C ASN A 129 -50.58 15.52 28.66
N ASN A 130 -51.33 16.46 29.23
CA ASN A 130 -51.85 16.32 30.59
C ASN A 130 -53.20 17.02 30.78
N ASN A 131 -54.05 16.95 29.77
CA ASN A 131 -55.31 17.70 29.74
C ASN A 131 -56.53 16.90 30.20
N HIS A 132 -56.29 15.89 31.04
CA HIS A 132 -57.36 15.09 31.62
C HIS A 132 -57.34 15.30 33.12
N PHE A 133 -58.19 16.23 33.58
CA PHE A 133 -58.26 16.59 34.99
C PHE A 133 -58.61 15.40 35.89
N ALA A 134 -57.93 15.35 37.05
CA ALA A 134 -58.05 14.26 38.02
C ALA A 134 -57.58 12.91 37.47
N HIS A 135 -56.80 12.93 36.39
CA HIS A 135 -56.28 11.70 35.78
C HIS A 135 -54.82 11.76 35.36
N HIS A 136 -54.19 10.59 35.34
CA HIS A 136 -52.87 10.45 34.75
C HIS A 136 -53.00 10.34 33.24
N THR A 137 -51.97 10.81 32.53
CA THR A 137 -51.89 10.68 31.08
C THR A 137 -50.52 10.10 30.73
N CYS A 138 -50.54 9.11 29.85
CA CYS A 138 -49.32 8.43 29.41
C CYS A 138 -49.11 8.56 27.90
N ASN A 139 -47.87 8.85 27.52
CA ASN A 139 -47.40 8.78 26.14
C ASN A 139 -46.03 8.11 26.16
N LYS A 140 -45.82 7.15 25.27
CA LYS A 140 -44.56 6.41 25.16
C LYS A 140 -44.27 6.04 23.70
N SER A 141 -43.27 6.69 23.10
CA SER A 141 -42.90 6.47 21.70
C SER A 141 -41.59 5.68 21.60
N TRP A 142 -41.49 4.79 20.62
CA TRP A 142 -40.33 3.92 20.46
C TRP A 142 -39.46 4.27 19.27
N ARG A 143 -38.15 4.02 19.41
CA ARG A 143 -37.19 4.15 18.31
C ARG A 143 -36.48 2.82 18.09
N CYS A 144 -35.91 2.65 16.90
CA CYS A 144 -35.54 1.33 16.39
C CYS A 144 -34.60 1.48 15.22
N GLY A 145 -33.55 0.67 15.19
CA GLY A 145 -32.62 0.73 14.07
C GLY A 145 -31.74 -0.49 13.96
N ILE A 146 -31.50 -0.95 12.73
CA ILE A 146 -30.67 -2.12 12.49
C ILE A 146 -29.84 -1.94 11.24
N SER A 147 -28.56 -2.24 11.35
CA SER A 147 -27.68 -2.25 10.21
C SER A 147 -26.59 -3.29 10.36
N THR A 148 -26.33 -4.03 9.28
CA THR A 148 -25.15 -4.86 9.23
C THR A 148 -24.17 -4.05 8.40
N SER A 149 -23.31 -3.29 9.07
CA SER A 149 -22.38 -2.40 8.41
C SER A 149 -20.97 -2.96 8.41
N LYS A 150 -20.04 -2.18 7.84
CA LYS A 150 -18.64 -2.55 7.79
C LYS A 150 -17.83 -1.73 8.79
N MET A 151 -16.76 -2.33 9.31
CA MET A 151 -15.73 -1.63 10.10
C MET A 151 -14.37 -2.18 9.74
N TYR A 152 -13.33 -1.35 9.82
CA TYR A 152 -12.01 -1.72 9.29
C TYR A 152 -11.23 -2.67 10.16
N SER A 153 -10.65 -3.67 9.50
CA SER A 153 -9.78 -4.63 10.15
C SER A 153 -8.39 -4.03 10.33
N ARG A 154 -7.69 -4.49 11.36
CA ARG A 154 -6.25 -4.30 11.43
C ARG A 154 -5.59 -5.56 11.90
N LEU A 155 -4.73 -6.11 11.06
CA LEU A 155 -4.00 -7.32 11.37
C LEU A 155 -2.75 -6.98 12.17
N GLU A 156 -2.36 -7.89 13.05
CA GLU A 156 -1.20 -7.70 13.91
C GLU A 156 -0.61 -9.07 14.22
N CYS A 157 0.71 -9.19 14.08
CA CYS A 157 1.42 -10.43 14.38
C CYS A 157 2.63 -10.17 15.28
N GLN A 158 2.95 -11.15 16.12
CA GLN A 158 4.07 -11.05 17.07
C GLN A 158 5.27 -11.78 16.53
N ASP A 159 6.43 -11.13 16.66
CA ASP A 159 7.69 -11.69 16.22
C ASP A 159 8.12 -12.83 17.14
N ASP A 160 7.76 -12.72 18.42
CA ASP A 160 7.98 -13.79 19.41
C ASP A 160 7.42 -15.07 18.86
N THR A 161 6.10 -15.06 18.73
CA THR A 161 5.30 -16.26 18.67
C THR A 161 4.61 -16.43 17.32
N ASP A 162 4.76 -15.43 16.46
CA ASP A 162 4.15 -15.43 15.12
C ASP A 162 2.67 -15.78 15.16
N GLU A 163 2.00 -15.31 16.21
CA GLU A 163 0.57 -15.44 16.28
C GLU A 163 -0.03 -14.13 15.84
N CYS A 164 -1.17 -14.20 15.17
CA CYS A 164 -1.80 -13.01 14.63
C CYS A 164 -3.21 -12.83 15.18
N GLN A 165 -3.69 -11.58 15.14
CA GLN A 165 -5.06 -11.25 15.53
C GLN A 165 -5.62 -10.17 14.62
N VAL A 166 -6.92 -10.25 14.37
CA VAL A 166 -7.61 -9.20 13.61
C VAL A 166 -8.32 -8.26 14.60
N TYR A 167 -7.89 -7.00 14.62
CA TYR A 167 -8.54 -5.97 15.45
C TYR A 167 -9.58 -5.20 14.67
N ILE A 168 -10.70 -4.89 15.32
CA ILE A 168 -11.70 -4.02 14.73
C ILE A 168 -11.56 -2.64 15.35
N LEU A 169 -11.46 -1.62 14.49
CA LEU A 169 -11.10 -0.26 14.90
C LEU A 169 -12.29 0.70 14.96
N ASP A 170 -12.20 1.67 15.87
CA ASP A 170 -13.17 2.78 15.89
C ASP A 170 -12.77 3.84 14.89
N ALA A 171 -13.53 4.93 14.81
CA ALA A 171 -13.27 6.00 13.85
C ALA A 171 -11.92 6.69 14.05
N GLU A 172 -11.32 6.51 15.22
CA GLU A 172 -10.06 7.17 15.55
C GLU A 172 -8.83 6.27 15.45
N GLY A 173 -9.04 4.98 15.15
CA GLY A 173 -7.92 4.04 14.97
C GLY A 173 -7.60 3.17 16.16
N ASN A 174 -8.42 3.26 17.20
CA ASN A 174 -8.31 2.40 18.38
C ASN A 174 -9.08 1.09 18.17
N PRO A 175 -8.49 -0.04 18.58
CA PRO A 175 -9.26 -1.29 18.55
C PRO A 175 -10.40 -1.23 19.55
N ILE A 176 -11.49 -1.93 19.27
CA ILE A 176 -12.63 -2.01 20.19
C ILE A 176 -13.04 -3.44 20.44
N ASN A 177 -13.44 -3.73 21.68
CA ASN A 177 -13.79 -5.10 22.05
C ASN A 177 -15.15 -5.51 21.50
N VAL A 178 -15.13 -5.94 20.23
CA VAL A 178 -16.31 -6.46 19.55
C VAL A 178 -16.05 -7.91 19.19
N THR A 179 -16.86 -8.81 19.75
CA THR A 179 -16.63 -10.24 19.60
C THR A 179 -17.85 -10.93 19.01
N VAL A 180 -17.74 -12.23 18.80
CA VAL A 180 -18.82 -13.00 18.19
C VAL A 180 -19.79 -13.46 19.29
N ASP A 181 -19.30 -13.54 20.52
CA ASP A 181 -20.05 -14.15 21.62
C ASP A 181 -20.71 -13.16 22.58
N THR A 182 -20.19 -11.94 22.63
CA THR A 182 -20.70 -10.93 23.54
C THR A 182 -21.01 -9.64 22.81
N VAL A 183 -22.18 -9.09 23.09
CA VAL A 183 -22.54 -7.78 22.54
C VAL A 183 -21.76 -6.69 23.28
N LEU A 184 -21.26 -5.71 22.52
CA LEU A 184 -20.62 -4.52 23.08
C LEU A 184 -21.59 -3.36 23.08
N HIS A 185 -21.70 -2.68 24.23
CA HIS A 185 -22.55 -1.51 24.36
C HIS A 185 -21.71 -0.25 24.44
N ARG A 186 -21.81 0.58 23.41
CA ARG A 186 -20.95 1.74 23.26
C ARG A 186 -21.62 2.78 22.37
N ASP A 187 -21.38 4.06 22.66
CA ASP A 187 -21.97 5.17 21.92
C ASP A 187 -23.49 5.03 21.81
N GLY A 188 -24.12 4.57 22.89
CA GLY A 188 -25.58 4.44 22.96
C GLY A 188 -26.17 3.37 22.06
N VAL A 189 -25.34 2.38 21.70
CA VAL A 189 -25.68 1.37 20.70
C VAL A 189 -25.16 -0.03 21.10
N SER A 190 -25.70 -1.07 20.46
CA SER A 190 -25.29 -2.44 20.71
C SER A 190 -24.66 -3.08 19.46
N MET A 191 -23.48 -3.67 19.64
CA MET A 191 -22.65 -4.17 18.53
C MET A 191 -22.20 -5.60 18.74
N ILE A 192 -22.23 -6.38 17.66
CA ILE A 192 -21.74 -7.76 17.69
C ILE A 192 -21.23 -8.15 16.31
N LEU A 193 -20.25 -9.06 16.27
CA LEU A 193 -19.73 -9.57 15.00
C LEU A 193 -20.60 -10.67 14.41
N LYS A 194 -20.84 -10.55 13.10
CA LYS A 194 -21.52 -11.60 12.34
C LYS A 194 -20.62 -12.82 12.25
N GLN A 195 -19.33 -12.57 12.04
CA GLN A 195 -18.35 -13.58 11.71
C GLN A 195 -17.17 -13.49 12.68
N LYS A 196 -16.67 -14.64 13.13
CA LYS A 196 -15.35 -14.71 13.78
C LYS A 196 -14.33 -14.20 12.77
N SER A 197 -13.45 -13.29 13.21
CA SER A 197 -12.47 -12.69 12.30
C SER A 197 -11.42 -13.69 11.81
N THR A 198 -11.34 -13.83 10.49
CA THR A 198 -10.54 -14.89 9.86
C THR A 198 -9.37 -14.33 9.02
N PHE A 199 -8.18 -14.90 9.20
CA PHE A 199 -7.03 -14.52 8.37
C PHE A 199 -6.51 -15.67 7.50
N THR A 200 -5.41 -15.44 6.79
CA THR A 200 -4.82 -16.46 5.94
C THR A 200 -3.36 -16.14 5.64
N THR A 201 -2.55 -17.18 5.50
CA THR A 201 -1.12 -17.02 5.20
C THR A 201 -0.79 -17.48 3.78
N ARG A 202 0.30 -16.94 3.25
CA ARG A 202 0.79 -17.26 1.91
C ARG A 202 2.31 -17.12 1.92
N GLN A 203 2.97 -18.15 1.42
CA GLN A 203 4.43 -18.17 1.35
C GLN A 203 4.90 -17.87 -0.07
N ILE A 204 5.91 -17.01 -0.21
CA ILE A 204 6.47 -16.68 -1.52
C ILE A 204 8.00 -16.64 -1.50
N LYS A 205 8.60 -16.75 -2.68
CA LYS A 205 10.01 -16.46 -2.87
C LYS A 205 10.08 -15.20 -3.71
N ALA A 206 10.79 -14.20 -3.21
CA ALA A 206 10.78 -12.90 -3.87
C ALA A 206 12.17 -12.35 -4.09
N ALA A 207 12.28 -11.49 -5.09
CA ALA A 207 13.51 -10.80 -5.43
C ALA A 207 13.68 -9.57 -4.54
N CYS A 208 14.81 -9.50 -3.85
CA CYS A 208 15.07 -8.39 -2.95
C CYS A 208 16.34 -7.63 -3.30
N LEU A 209 16.27 -6.31 -3.23
CA LEU A 209 17.43 -5.47 -3.40
C LEU A 209 18.02 -5.21 -2.02
N LEU A 210 19.30 -5.53 -1.87
CA LEU A 210 19.98 -5.38 -0.59
C LEU A 210 21.01 -4.24 -0.62
N ILE A 211 21.15 -3.53 0.49
CA ILE A 211 22.05 -2.38 0.56
C ILE A 211 22.93 -2.45 1.80
N LYS A 212 24.24 -2.31 1.59
CA LYS A 212 25.22 -2.40 2.67
C LYS A 212 26.12 -1.16 2.69
N ASP A 213 25.57 -0.05 3.15
CA ASP A 213 26.29 1.23 3.13
C ASP A 213 26.70 1.78 4.51
N ASP A 214 26.81 0.89 5.50
CA ASP A 214 27.40 1.27 6.79
C ASP A 214 28.90 0.98 6.75
N LYS A 215 29.68 2.06 6.64
CA LYS A 215 31.14 1.97 6.42
C LYS A 215 31.86 1.19 7.50
N ASN A 216 31.34 1.29 8.73
CA ASN A 216 31.87 0.58 9.88
C ASN A 216 31.54 -0.92 9.84
N ASN A 217 30.34 -1.26 9.39
CA ASN A 217 29.91 -2.65 9.27
C ASN A 217 29.57 -2.99 7.80
N PRO A 218 30.60 -3.22 6.97
CA PRO A 218 30.41 -3.42 5.53
C PRO A 218 29.65 -4.71 5.15
N GLU A 219 29.12 -5.41 6.16
CA GLU A 219 28.31 -6.62 5.94
C GLU A 219 26.88 -6.46 6.46
N SER A 220 26.68 -5.51 7.37
CA SER A 220 25.37 -5.16 7.88
C SER A 220 24.48 -4.66 6.74
N VAL A 221 23.22 -5.10 6.74
CA VAL A 221 22.27 -4.76 5.66
C VAL A 221 21.34 -3.59 6.06
N THR A 222 21.73 -2.38 5.66
CA THR A 222 21.05 -1.16 6.13
C THR A 222 19.63 -0.95 5.57
N ARG A 223 19.38 -1.39 4.34
CA ARG A 223 18.04 -1.35 3.75
C ARG A 223 17.81 -2.56 2.85
N GLU A 224 16.60 -3.11 2.92
CA GLU A 224 16.20 -4.16 2.00
C GLU A 224 14.86 -3.81 1.40
N HIS A 225 14.79 -3.81 0.08
CA HIS A 225 13.56 -3.59 -0.65
C HIS A 225 13.19 -4.89 -1.32
N CYS A 226 11.94 -5.31 -1.15
CA CYS A 226 11.50 -6.57 -1.75
C CYS A 226 10.27 -6.42 -2.61
N LEU A 227 10.28 -7.15 -3.73
CA LEU A 227 9.16 -7.21 -4.64
C LEU A 227 8.11 -8.19 -4.16
N ILE A 228 6.94 -7.67 -3.78
CA ILE A 228 5.77 -8.53 -3.54
C ILE A 228 4.74 -8.22 -4.61
N ASP A 229 4.57 -9.14 -5.56
CA ASP A 229 3.61 -9.02 -6.66
C ASP A 229 3.66 -7.65 -7.31
N ASN A 230 4.82 -7.34 -7.88
CA ASN A 230 5.09 -6.07 -8.59
C ASN A 230 4.80 -4.82 -7.79
N ASP A 231 5.09 -4.90 -6.48
CA ASP A 231 4.94 -3.78 -5.56
C ASP A 231 6.07 -3.81 -4.52
N ILE A 232 6.72 -2.68 -4.28
CA ILE A 232 7.96 -2.67 -3.49
C ILE A 232 7.73 -2.43 -2.00
N TYR A 233 8.45 -3.18 -1.17
CA TYR A 233 8.32 -3.06 0.29
C TYR A 233 9.66 -3.04 0.99
N ASP A 234 9.72 -2.27 2.09
CA ASP A 234 10.91 -2.28 2.92
C ASP A 234 10.85 -3.37 3.98
N LEU A 235 11.80 -4.30 3.90
CA LEU A 235 11.87 -5.39 4.86
C LEU A 235 13.27 -5.50 5.47
N SER A 236 13.95 -4.36 5.57
CA SER A 236 15.27 -4.32 6.21
C SER A 236 15.17 -4.89 7.63
N LYS A 237 14.39 -4.25 8.50
CA LYS A 237 14.09 -4.81 9.82
C LYS A 237 13.43 -6.15 9.60
N ASN A 238 13.89 -7.16 10.33
CA ASN A 238 13.30 -8.49 10.21
C ASN A 238 12.22 -8.76 11.27
N THR A 239 11.65 -7.69 11.80
CA THR A 239 10.42 -7.78 12.58
C THR A 239 9.24 -7.93 11.62
N TRP A 240 8.07 -8.31 12.14
CA TRP A 240 6.83 -8.31 11.35
C TRP A 240 6.55 -6.90 10.87
N ASN A 241 6.17 -6.77 9.60
CA ASN A 241 5.77 -5.49 9.06
C ASN A 241 4.26 -5.50 8.82
N CYS A 242 3.54 -4.69 9.59
CA CYS A 242 2.08 -4.70 9.53
C CYS A 242 1.48 -3.33 9.28
N LYS A 243 0.59 -3.27 8.30
CA LYS A 243 -0.22 -2.09 7.96
C LYS A 243 -1.60 -2.56 7.53
N PHE A 244 -2.63 -1.84 7.97
CA PHE A 244 -4.01 -2.16 7.63
C PHE A 244 -4.35 -3.64 7.84
N ASN A 245 -4.62 -4.35 6.76
CA ASN A 245 -5.09 -5.72 6.85
C ASN A 245 -4.05 -6.77 6.52
N ARG A 246 -2.80 -6.34 6.32
CA ARG A 246 -1.77 -7.26 5.89
C ARG A 246 -0.49 -7.19 6.71
N CYS A 247 0.14 -8.34 6.89
CA CYS A 247 1.43 -8.42 7.58
C CYS A 247 2.42 -9.18 6.74
N ILE A 248 3.65 -8.68 6.69
CA ILE A 248 4.72 -9.32 5.93
C ILE A 248 5.98 -9.47 6.76
N LYS A 249 6.67 -10.60 6.59
CA LYS A 249 7.96 -10.84 7.24
C LYS A 249 8.82 -11.76 6.41
N ARG A 250 10.12 -11.46 6.32
CA ARG A 250 11.07 -12.43 5.80
C ARG A 250 11.11 -13.62 6.76
N LYS A 251 10.83 -14.81 6.24
CA LYS A 251 10.71 -16.05 7.03
C LYS A 251 11.74 -16.15 8.17
N ARG A 268 -3.26 -2.53 24.13
CA ARG A 268 -3.65 -2.01 22.81
C ARG A 268 -3.71 -0.48 22.77
N ALA A 269 -2.85 0.12 21.92
CA ALA A 269 -2.83 1.58 21.70
C ALA A 269 -3.36 1.94 20.29
N LYS A 270 -3.46 3.25 20.01
CA LYS A 270 -4.01 3.76 18.75
C LYS A 270 -3.15 3.45 17.52
N TYR A 271 -3.69 2.65 16.59
CA TYR A 271 -3.04 2.43 15.28
C TYR A 271 -3.21 3.67 14.43
N THR A 272 -2.30 3.88 13.49
CA THR A 272 -2.09 5.23 12.95
C THR A 272 -2.08 5.38 11.42
N GLU A 273 -1.90 4.28 10.68
CA GLU A 273 -1.75 4.34 9.22
C GLU A 273 -2.95 4.91 8.49
N GLY A 274 -4.14 4.69 9.05
CA GLY A 274 -5.37 5.15 8.44
C GLY A 274 -5.77 6.56 8.83
N ASP A 275 -4.86 7.31 9.44
CA ASP A 275 -5.10 8.71 9.69
C ASP A 275 -5.05 9.46 8.37
N THR A 276 -5.75 10.59 8.30
CA THR A 276 -5.81 11.38 7.07
C THR A 276 -4.46 12.08 6.83
N ALA A 277 -3.93 11.92 5.62
CA ALA A 277 -2.64 12.50 5.23
C ALA A 277 -2.78 13.95 4.82
N THR A 278 -1.70 14.71 4.90
CA THR A 278 -1.76 16.14 4.62
C THR A 278 -1.18 16.56 3.26
N LYS A 279 -1.82 17.57 2.66
CA LYS A 279 -1.36 18.21 1.44
C LYS A 279 0.13 18.58 1.51
N GLY A 280 0.56 19.03 2.69
CA GLY A 280 1.94 19.43 2.91
C GLY A 280 2.96 18.30 2.74
N ASP A 281 2.60 17.12 3.21
CA ASP A 281 3.47 15.94 3.09
C ASP A 281 3.48 15.37 1.67
N LEU A 282 2.36 15.54 0.96
CA LEU A 282 2.26 15.29 -0.47
C LEU A 282 3.25 16.12 -1.24
N MET A 283 3.26 17.41 -0.94
CA MET A 283 4.09 18.37 -1.64
C MET A 283 5.55 18.06 -1.44
N HIS A 284 5.89 17.52 -0.27
CA HIS A 284 7.27 17.15 -0.05
C HIS A 284 7.63 15.92 -0.87
N ILE A 285 6.74 14.93 -0.90
CA ILE A 285 6.91 13.78 -1.80
C ILE A 285 7.05 14.27 -3.23
N GLN A 286 6.31 15.32 -3.59
CA GLN A 286 6.40 15.90 -4.92
C GLN A 286 7.78 16.49 -5.18
N GLU A 287 8.32 17.21 -4.20
CA GLU A 287 9.68 17.78 -4.31
C GLU A 287 10.73 16.67 -4.37
N GLU A 288 10.54 15.59 -3.62
CA GLU A 288 11.41 14.42 -3.68
C GLU A 288 11.42 13.78 -5.07
N LEU A 289 10.28 13.85 -5.74
CA LEU A 289 10.12 13.29 -7.07
C LEU A 289 10.88 14.17 -8.06
N MET A 290 10.58 15.46 -8.00
CA MET A 290 11.31 16.49 -8.74
C MET A 290 12.80 16.28 -8.56
N TYR A 291 13.25 16.13 -7.31
CA TYR A 291 14.64 15.89 -7.02
C TYR A 291 15.15 14.65 -7.73
N GLU A 292 14.40 13.55 -7.65
CA GLU A 292 14.83 12.30 -8.26
C GLU A 292 15.02 12.43 -9.76
N ASN A 293 14.10 13.17 -10.39
CA ASN A 293 14.17 13.42 -11.81
C ASN A 293 15.46 14.17 -12.15
N ASP A 294 15.72 15.27 -11.45
CA ASP A 294 16.96 16.04 -11.63
C ASP A 294 18.20 15.27 -11.20
N LEU A 295 18.03 14.33 -10.28
CA LEU A 295 19.13 13.48 -9.85
C LEU A 295 19.45 12.48 -10.95
N LEU A 296 18.41 11.96 -11.59
CA LEU A 296 18.56 11.07 -12.73
C LEU A 296 19.30 11.78 -13.85
N LYS A 297 18.92 13.03 -14.12
CA LYS A 297 19.50 13.80 -15.24
C LYS A 297 20.98 14.10 -15.03
N MET A 298 21.32 14.56 -13.82
CA MET A 298 22.70 14.88 -13.48
C MET A 298 23.59 13.66 -13.71
N ASN A 299 23.20 12.54 -13.11
CA ASN A 299 24.03 11.35 -13.13
C ASN A 299 24.14 10.70 -14.50
N ILE A 300 23.02 10.61 -15.22
CA ILE A 300 23.02 10.18 -16.60
C ILE A 300 23.96 11.02 -17.45
N GLU A 301 23.90 12.34 -17.28
CA GLU A 301 24.73 13.22 -18.09
C GLU A 301 26.17 13.16 -17.65
N LEU A 302 26.39 12.97 -16.36
CA LEU A 302 27.74 12.80 -15.85
C LEU A 302 28.41 11.56 -16.44
N MET A 303 27.60 10.53 -16.67
CA MET A 303 28.04 9.29 -17.27
C MET A 303 28.25 9.49 -18.77
N HIS A 304 27.29 10.15 -19.42
CA HIS A 304 27.37 10.56 -20.82
C HIS A 304 28.70 11.21 -21.15
N ALA A 305 29.07 12.22 -20.36
CA ALA A 305 30.28 12.99 -20.58
C ALA A 305 31.51 12.11 -20.47
N HIS A 306 31.53 11.25 -19.46
CA HIS A 306 32.66 10.36 -19.25
C HIS A 306 32.89 9.45 -20.46
N ILE A 307 31.81 8.84 -20.94
CA ILE A 307 31.89 7.93 -22.08
C ILE A 307 32.39 8.65 -23.31
N ASN A 308 31.91 9.87 -23.52
CA ASN A 308 32.34 10.66 -24.66
C ASN A 308 33.83 10.92 -24.61
N LYS A 309 34.35 11.25 -23.42
CA LYS A 309 35.79 11.38 -23.23
C LYS A 309 36.50 10.10 -23.67
N LEU A 310 35.99 8.97 -23.18
CA LEU A 310 36.52 7.64 -23.48
C LEU A 310 36.44 7.32 -24.98
N ASN A 311 35.29 7.62 -25.57
CA ASN A 311 35.06 7.51 -27.00
C ASN A 311 36.15 8.24 -27.80
N ASN A 312 36.52 9.43 -27.33
CA ASN A 312 37.51 10.24 -28.01
C ASN A 312 38.93 9.69 -27.85
N MET A 313 39.18 8.99 -26.75
CA MET A 313 40.45 8.30 -26.57
C MET A 313 40.56 7.23 -27.63
N LEU A 314 39.46 6.50 -27.81
CA LEU A 314 39.35 5.44 -28.80
C LEU A 314 39.62 5.97 -30.21
N HIS A 315 39.37 7.26 -30.41
CA HIS A 315 39.67 7.95 -31.67
C HIS A 315 41.17 8.13 -31.88
N ASP A 316 41.84 8.67 -30.87
CA ASP A 316 43.30 8.80 -30.89
C ASP A 316 43.95 7.45 -31.16
N LEU A 317 43.42 6.38 -30.54
CA LEU A 317 43.83 5.02 -30.86
C LEU A 317 43.68 4.72 -32.34
N ILE A 318 42.47 4.89 -32.86
CA ILE A 318 42.20 4.61 -34.28
C ILE A 318 43.24 5.27 -35.21
N VAL A 319 43.31 6.61 -35.20
CA VAL A 319 44.23 7.33 -36.11
C VAL A 319 45.64 6.74 -36.11
N SER A 320 46.12 6.35 -34.93
CA SER A 320 47.46 5.78 -34.78
C SER A 320 47.58 4.43 -35.47
N VAL A 321 46.67 3.52 -35.16
CA VAL A 321 46.74 2.16 -35.68
C VAL A 321 46.27 2.07 -37.15
N ALA A 322 45.64 3.13 -37.63
CA ALA A 322 45.15 3.18 -39.01
C ALA A 322 46.30 3.45 -39.98
N LYS A 323 47.36 4.07 -39.48
CA LYS A 323 48.56 4.34 -40.29
C LYS A 323 49.21 3.04 -40.72
N VAL A 324 48.99 1.97 -39.95
CA VAL A 324 49.51 0.65 -40.30
C VAL A 324 48.41 -0.17 -40.99
N ASP A 325 47.16 0.03 -40.54
CA ASP A 325 46.03 -0.73 -41.05
C ASP A 325 45.11 0.13 -41.92
N GLU A 326 45.26 -0.03 -43.23
CA GLU A 326 44.57 0.79 -44.21
C GLU A 326 43.06 0.49 -44.33
N ARG A 327 42.64 -0.68 -43.85
CA ARG A 327 41.24 -1.13 -44.01
C ARG A 327 40.40 -1.02 -42.74
N LEU A 328 41.02 -0.53 -41.67
CA LEU A 328 40.41 -0.48 -40.35
C LEU A 328 39.21 0.44 -40.28
N ILE A 329 39.40 1.67 -40.77
CA ILE A 329 38.35 2.67 -40.74
C ILE A 329 37.12 2.14 -41.47
N GLY A 330 37.37 1.42 -42.56
CA GLY A 330 36.32 0.73 -43.29
C GLY A 330 35.55 -0.25 -42.42
N ASN A 331 36.29 -1.05 -41.64
CA ASN A 331 35.68 -2.03 -40.74
C ASN A 331 34.78 -1.35 -39.70
N LEU A 332 35.31 -0.32 -39.06
CA LEU A 332 34.59 0.41 -38.02
C LEU A 332 33.28 0.99 -38.56
N MET A 333 33.36 1.63 -39.72
CA MET A 333 32.20 2.20 -40.38
C MET A 333 31.32 1.14 -41.04
N ASN A 334 31.77 -0.12 -41.02
CA ASN A 334 31.10 -1.24 -41.70
C ASN A 334 30.82 -0.96 -43.18
N ASN A 335 31.89 -0.58 -43.90
CA ASN A 335 31.87 -0.41 -45.36
C ASN A 335 33.31 -0.40 -45.88
N SER A 336 33.58 -1.21 -46.90
CA SER A 336 34.96 -1.46 -47.34
C SER A 336 35.64 -0.25 -48.00
N VAL A 337 36.53 0.40 -47.24
CA VAL A 337 37.30 1.56 -47.74
C VAL A 337 38.74 1.59 -47.20
N SER A 338 39.66 2.02 -48.06
CA SER A 338 41.09 2.08 -47.71
C SER A 338 41.54 3.51 -47.42
N SER A 339 42.31 3.65 -46.34
CA SER A 339 42.72 4.97 -45.85
C SER A 339 44.17 5.31 -46.20
N THR A 340 44.40 6.56 -46.58
CA THR A 340 45.75 7.07 -46.86
C THR A 340 45.99 8.36 -46.09
N PHE A 341 47.01 8.36 -45.23
CA PHE A 341 47.24 9.49 -44.34
C PHE A 341 48.09 10.58 -44.95
N LEU A 342 47.87 11.81 -44.51
CA LEU A 342 48.62 12.97 -44.96
C LEU A 342 49.46 13.53 -43.83
N SER A 343 48.82 13.75 -42.68
CA SER A 343 49.52 13.95 -41.41
C SER A 343 49.23 12.76 -40.50
N ASP A 344 49.47 12.90 -39.20
CA ASP A 344 49.06 11.88 -38.23
C ASP A 344 47.57 12.01 -38.04
N ASP A 345 47.10 13.23 -38.27
CA ASP A 345 45.78 13.68 -37.92
C ASP A 345 44.76 13.38 -39.02
N THR A 346 45.11 13.76 -40.25
CA THR A 346 44.19 13.78 -41.38
C THR A 346 44.47 12.69 -42.41
N PHE A 347 43.45 12.32 -43.18
CA PHE A 347 43.50 11.15 -44.06
C PHE A 347 42.50 11.22 -45.21
N LEU A 348 42.67 10.30 -46.17
CA LEU A 348 41.78 10.20 -47.34
C LEU A 348 41.16 8.81 -47.45
N LEU A 349 40.05 8.71 -48.16
CA LEU A 349 39.33 7.44 -48.35
C LEU A 349 39.08 7.08 -49.82
N MET A 350 39.19 5.79 -50.12
CA MET A 350 38.85 5.23 -51.44
C MET A 350 37.95 4.01 -51.27
N PRO A 351 36.94 3.84 -52.16
CA PRO A 351 36.03 2.69 -52.12
C PRO A 351 36.66 1.31 -52.45
N CYS A 352 36.13 0.26 -51.84
CA CYS A 352 36.56 -1.14 -52.05
C CYS A 352 35.40 -2.13 -51.90
N THR A 353 35.53 -3.31 -52.48
CA THR A 353 34.70 -4.49 -52.12
C THR A 353 35.46 -5.78 -52.46
N ASN A 354 35.40 -6.74 -51.53
CA ASN A 354 36.27 -7.92 -51.58
C ASN A 354 35.53 -9.25 -51.71
N PRO A 355 36.22 -10.30 -52.22
CA PRO A 355 35.72 -11.69 -52.18
C PRO A 355 35.74 -12.28 -50.76
N PRO A 356 34.57 -12.39 -50.10
CA PRO A 356 34.51 -12.71 -48.68
C PRO A 356 34.53 -14.21 -48.34
N ALA A 357 34.54 -15.08 -49.35
CA ALA A 357 34.38 -16.52 -49.14
C ALA A 357 35.66 -17.24 -48.67
N HIS A 358 36.68 -16.48 -48.28
CA HIS A 358 37.92 -17.08 -47.77
C HIS A 358 37.66 -17.85 -46.49
N THR A 359 37.62 -19.18 -46.61
CA THR A 359 37.29 -20.05 -45.49
C THR A 359 38.45 -20.97 -45.11
N SER A 360 39.33 -21.26 -46.07
CA SER A 360 40.65 -21.80 -45.74
C SER A 360 41.65 -20.64 -45.71
N ASN A 361 42.94 -20.96 -45.57
CA ASN A 361 43.97 -19.91 -45.59
C ASN A 361 45.14 -20.21 -46.54
N CYS A 362 44.82 -20.89 -47.65
CA CYS A 362 45.80 -21.25 -48.67
C CYS A 362 45.21 -21.11 -50.06
N TYR A 363 46.08 -21.03 -51.07
CA TYR A 363 45.66 -21.24 -52.44
C TYR A 363 46.64 -22.17 -53.15
N ASN A 364 47.81 -21.65 -53.46
CA ASN A 364 48.99 -22.47 -53.79
C ASN A 364 50.10 -21.95 -52.89
N ASN A 365 49.89 -22.13 -51.59
CA ASN A 365 50.48 -21.28 -50.55
C ASN A 365 51.96 -21.47 -50.23
N SER A 366 52.66 -20.35 -50.17
CA SER A 366 54.02 -20.27 -49.64
C SER A 366 54.19 -18.86 -49.06
N ILE A 367 53.67 -18.68 -47.84
CA ILE A 367 53.59 -17.36 -47.16
C ILE A 367 53.08 -16.25 -48.11
N TYR A 368 51.77 -16.27 -48.36
CA TYR A 368 51.16 -15.36 -49.33
C TYR A 368 50.76 -13.99 -48.78
N LYS A 369 49.57 -13.92 -48.20
CA LYS A 369 48.94 -12.65 -47.83
C LYS A 369 49.58 -11.98 -46.60
N GLU A 370 49.07 -10.79 -46.25
CA GLU A 370 49.55 -10.01 -45.10
C GLU A 370 49.29 -10.68 -43.75
N GLY A 371 50.02 -10.26 -42.72
CA GLY A 371 49.96 -10.89 -41.40
C GLY A 371 50.31 -12.37 -41.50
N ARG A 372 50.89 -12.75 -42.64
CA ARG A 372 51.27 -14.14 -43.01
C ARG A 372 50.15 -15.20 -42.91
N TRP A 373 49.41 -15.42 -44.01
CA TRP A 373 48.29 -16.39 -44.01
C TRP A 373 48.38 -17.48 -45.08
N SER A 379 49.76 -29.51 -45.59
CA SER A 379 48.57 -28.66 -45.49
C SER A 379 47.71 -28.98 -44.25
N SER A 380 48.37 -29.47 -43.19
CA SER A 380 47.74 -29.54 -41.86
C SER A 380 47.91 -28.15 -41.21
N GLN A 381 48.95 -27.45 -41.66
CA GLN A 381 49.15 -26.02 -41.38
C GLN A 381 48.21 -25.18 -42.27
N CYS A 382 47.11 -25.81 -42.72
CA CYS A 382 46.17 -25.20 -43.65
C CYS A 382 44.74 -25.62 -43.30
N ILE A 383 44.01 -24.74 -42.61
CA ILE A 383 42.71 -25.08 -42.02
C ILE A 383 41.53 -24.33 -42.63
N ASP A 384 40.41 -25.04 -42.74
CA ASP A 384 39.12 -24.46 -43.13
C ASP A 384 38.36 -24.06 -41.85
N PHE A 385 37.78 -22.86 -41.86
CA PHE A 385 37.11 -22.36 -40.64
C PHE A 385 35.62 -22.06 -40.74
N SER A 386 34.92 -22.86 -41.55
CA SER A 386 33.45 -22.77 -41.68
C SER A 386 32.79 -22.83 -40.31
N ASN A 387 33.12 -23.87 -39.56
CA ASN A 387 32.66 -24.00 -38.19
C ASN A 387 33.70 -23.52 -37.19
N TYR A 388 33.42 -22.35 -36.63
CA TYR A 388 34.25 -21.69 -35.64
C TYR A 388 33.37 -21.32 -34.47
N LYS A 389 33.98 -20.97 -33.35
CA LYS A 389 33.24 -20.53 -32.18
C LYS A 389 33.56 -19.09 -31.78
N GLU A 390 32.57 -18.44 -31.16
CA GLU A 390 32.69 -17.07 -30.66
C GLU A 390 33.56 -17.09 -29.42
N LEU A 391 34.54 -16.21 -29.35
CA LEU A 391 35.35 -16.09 -28.15
C LEU A 391 34.81 -14.96 -27.28
N ALA A 392 34.34 -15.32 -26.09
CA ALA A 392 33.81 -14.36 -25.12
C ALA A 392 34.95 -13.73 -24.32
N ILE A 393 35.38 -12.53 -24.74
CA ILE A 393 36.43 -11.80 -24.03
C ILE A 393 35.83 -10.68 -23.19
N ASP A 394 34.52 -10.53 -23.33
CA ASP A 394 33.77 -9.50 -22.63
C ASP A 394 32.62 -10.11 -21.88
N ASP A 395 32.17 -9.37 -20.88
CA ASP A 395 30.90 -9.64 -20.23
C ASP A 395 29.97 -8.52 -20.60
N ASP A 396 28.73 -8.87 -20.91
CA ASP A 396 27.70 -7.86 -20.95
C ASP A 396 27.26 -7.60 -19.51
N VAL A 397 26.92 -6.36 -19.23
CA VAL A 397 26.29 -6.01 -17.97
C VAL A 397 24.80 -6.33 -18.14
N GLU A 398 24.16 -6.71 -17.04
CA GLU A 398 22.72 -6.92 -17.04
C GLU A 398 22.06 -6.05 -15.97
N PHE A 399 21.11 -5.22 -16.39
CA PHE A 399 20.47 -4.26 -15.49
C PHE A 399 19.14 -4.75 -14.96
N TRP A 400 18.90 -4.50 -13.69
CA TRP A 400 17.71 -4.97 -13.01
C TRP A 400 16.78 -3.82 -12.70
N ILE A 401 15.76 -3.64 -13.53
CA ILE A 401 14.76 -2.61 -13.29
C ILE A 401 13.39 -3.23 -13.55
N PRO A 402 12.84 -3.94 -12.54
CA PRO A 402 11.54 -4.62 -12.70
C PRO A 402 10.32 -3.68 -12.73
N THR A 403 9.24 -4.16 -13.35
CA THR A 403 7.97 -3.44 -13.35
C THR A 403 7.42 -3.39 -11.93
N ILE A 404 6.94 -2.21 -11.56
CA ILE A 404 6.41 -1.96 -10.23
C ILE A 404 5.00 -1.39 -10.36
N GLY A 405 4.42 -1.00 -9.23
CA GLY A 405 3.24 -0.16 -9.23
C GLY A 405 1.89 -0.83 -9.11
N ASN A 406 1.86 -2.07 -8.63
CA ASN A 406 0.58 -2.67 -8.23
C ASN A 406 0.22 -2.25 -6.80
N THR A 407 -0.26 -1.01 -6.64
CA THR A 407 -0.55 -0.51 -5.30
C THR A 407 -2.02 -0.51 -4.95
N THR A 408 -2.28 -0.57 -3.65
CA THR A 408 -3.61 -0.57 -3.07
C THR A 408 -3.78 0.72 -2.30
N TYR A 409 -4.97 1.28 -2.38
CA TYR A 409 -5.31 2.45 -1.56
C TYR A 409 -6.30 2.04 -0.49
N HIS A 410 -6.11 2.58 0.71
CA HIS A 410 -6.95 2.22 1.84
C HIS A 410 -7.74 3.45 2.26
N ASP A 411 -8.90 3.22 2.88
CA ASP A 411 -9.74 4.33 3.30
C ASP A 411 -9.26 4.87 4.63
N SER A 412 -9.53 6.14 4.90
CA SER A 412 -9.23 6.69 6.21
C SER A 412 -10.16 6.05 7.24
N TRP A 413 -9.75 6.09 8.50
CA TRP A 413 -10.52 5.43 9.53
C TRP A 413 -11.84 6.07 9.93
N LYS A 414 -12.06 7.30 9.44
CA LYS A 414 -13.28 8.04 9.70
C LYS A 414 -14.36 7.75 8.66
N ASP A 415 -14.06 6.85 7.73
CA ASP A 415 -14.95 6.57 6.61
C ASP A 415 -15.75 5.27 6.76
N ALA A 416 -15.65 4.63 7.92
CA ALA A 416 -16.30 3.33 8.13
C ALA A 416 -17.82 3.45 8.12
N SER A 417 -18.45 2.74 7.19
CA SER A 417 -19.90 2.79 7.04
C SER A 417 -20.63 2.62 8.38
N GLY A 418 -20.14 1.70 9.20
CA GLY A 418 -20.70 1.48 10.53
C GLY A 418 -20.69 2.65 11.49
N TRP A 419 -19.67 3.49 11.43
CA TRP A 419 -19.56 4.62 12.35
C TRP A 419 -20.46 5.77 11.95
N SER A 420 -20.65 5.96 10.65
CA SER A 420 -21.57 6.98 10.20
C SER A 420 -23.02 6.57 10.48
N PHE A 421 -23.29 5.26 10.44
CA PHE A 421 -24.61 4.77 10.84
C PHE A 421 -24.90 5.16 12.28
N ILE A 422 -23.91 4.95 13.15
CA ILE A 422 -24.01 5.29 14.56
C ILE A 422 -24.15 6.79 14.73
N ALA A 423 -23.41 7.54 13.92
CA ALA A 423 -23.49 9.00 13.94
C ALA A 423 -24.88 9.46 13.53
N GLN A 424 -25.44 8.79 12.53
CA GLN A 424 -26.75 9.13 11.98
C GLN A 424 -27.89 9.02 13.02
N GLN A 425 -28.03 7.85 13.65
CA GLN A 425 -29.08 7.64 14.64
C GLN A 425 -28.95 8.58 15.82
N LYS A 426 -27.70 8.94 16.13
CA LYS A 426 -27.39 9.83 17.22
C LYS A 426 -27.94 11.20 16.87
N SER A 427 -27.75 11.59 15.62
CA SER A 427 -28.21 12.87 15.11
C SER A 427 -29.73 12.90 15.01
N ASN A 428 -30.31 11.80 14.52
CA ASN A 428 -31.75 11.68 14.39
C ASN A 428 -32.43 11.84 15.74
N LEU A 429 -31.83 11.26 16.77
CA LEU A 429 -32.38 11.36 18.11
C LEU A 429 -32.33 12.81 18.58
N ILE A 430 -31.20 13.47 18.33
CA ILE A 430 -31.01 14.86 18.74
C ILE A 430 -32.13 15.76 18.19
N THR A 431 -32.52 15.52 16.95
CA THR A 431 -33.48 16.36 16.28
C THR A 431 -34.93 16.13 16.77
N THR A 432 -35.31 14.86 16.93
CA THR A 432 -36.66 14.50 17.33
C THR A 432 -36.95 14.87 18.79
N MET A 433 -35.90 14.85 19.61
CA MET A 433 -36.01 15.14 21.03
C MET A 433 -36.02 16.64 21.33
N GLU A 434 -36.26 17.46 20.32
CA GLU A 434 -36.39 18.90 20.54
C GLU A 434 -37.59 19.49 19.80
N ASN A 435 -38.42 18.61 19.27
CA ASN A 435 -39.70 18.99 18.74
C ASN A 435 -40.76 18.31 19.56
N THR A 436 -41.34 19.08 20.49
CA THR A 436 -42.38 18.57 21.36
C THR A 436 -43.70 18.43 20.60
N LYS A 437 -44.38 17.31 20.84
CA LYS A 437 -45.69 17.06 20.23
C LYS A 437 -46.77 16.93 21.29
N PHE A 438 -47.97 17.39 20.92
CA PHE A 438 -49.15 17.23 21.76
C PHE A 438 -49.87 15.93 21.38
N GLY A 439 -49.95 15.01 22.33
CA GLY A 439 -50.58 13.72 22.09
C GLY A 439 -52.03 13.68 22.52
N GLY A 440 -52.84 14.62 22.04
CA GLY A 440 -54.27 14.64 22.30
C GLY A 440 -55.07 14.45 21.03
HG HG B . -60.30 13.37 29.79
HG HG C . -50.63 10.47 40.89
HG HG D . 7.83 14.02 3.00
HG HG E . -62.75 11.55 35.03
HG HG F . 43.54 -15.16 -50.82
#